data_3PDY
#
_entry.id   3PDY
#
_cell.length_a   97.420
_cell.length_b   119.400
_cell.length_c   44.580
_cell.angle_alpha   90.00
_cell.angle_beta   90.00
_cell.angle_gamma   90.00
#
_symmetry.space_group_name_H-M   'P 21 21 2'
#
loop_
_entity.id
_entity.type
_entity.pdbx_description
1 polymer Plectin
2 non-polymer 1,2-ETHANEDIOL
3 non-polymer DI(HYDROXYETHYL)ETHER
4 water water
#
_entity_poly.entity_id   1
_entity_poly.type   'polypeptide(L)'
_entity_poly.pdbx_seq_one_letter_code
;GSHMELEDSTLRYLQDLLAWVEENQHRVDGAEWGVDLPSVEAQLGSHRGLHQSIEEFRAKIERARSDEGQLSPATRGAYR
DCLGRLDLQYAKLLNSSKARLRSLESLHSFVAAATKELMWLNEKEEEEVGFDWSDRNTNMTAKKESYSALMRELELKEKK
IKELQNAGDRLLREDHPARPTVESFQAALQTQWSWMLQLCCCIEAHLKEN
;
_entity_poly.pdbx_strand_id   A,B
#
loop_
_chem_comp.id
_chem_comp.type
_chem_comp.name
_chem_comp.formula
EDO non-polymer 1,2-ETHANEDIOL 'C2 H6 O2'
PEG non-polymer DI(HYDROXYETHYL)ETHER 'C4 H10 O3'
#
# COMPACT_ATOMS: atom_id res chain seq x y z
N GLU A 7 -10.02 -3.70 33.49
CA GLU A 7 -8.66 -3.25 33.77
C GLU A 7 -7.86 -3.14 32.48
N ASP A 8 -6.92 -4.06 32.29
CA ASP A 8 -6.11 -4.08 31.07
C ASP A 8 -6.89 -4.69 29.91
N SER A 9 -7.96 -5.43 30.24
CA SER A 9 -8.86 -5.97 29.22
C SER A 9 -9.63 -4.83 28.57
N THR A 10 -9.73 -3.71 29.31
CA THR A 10 -10.36 -2.50 28.81
C THR A 10 -9.44 -1.80 27.81
N LEU A 11 -8.22 -1.53 28.24
CA LEU A 11 -7.21 -0.91 27.38
C LEU A 11 -7.03 -1.74 26.11
N ARG A 12 -7.03 -3.05 26.28
CA ARG A 12 -6.84 -3.95 25.15
C ARG A 12 -7.96 -3.81 24.12
N TYR A 13 -9.19 -3.60 24.60
CA TYR A 13 -10.31 -3.48 23.68
C TYR A 13 -10.25 -2.19 22.87
N LEU A 14 -9.89 -1.10 23.52
CA LEU A 14 -9.75 0.17 22.81
C LEU A 14 -8.59 0.13 21.84
N GLN A 15 -7.50 -0.52 22.24
CA GLN A 15 -6.35 -0.65 21.36
C GLN A 15 -6.68 -1.54 20.18
N ASP A 16 -7.52 -2.55 20.41
CA ASP A 16 -8.01 -3.39 19.33
C ASP A 16 -8.80 -2.57 18.31
N LEU A 17 -9.70 -1.72 18.78
CA LEU A 17 -10.45 -0.86 17.87
C LEU A 17 -9.51 0.08 17.11
N LEU A 18 -8.54 0.65 17.82
CA LEU A 18 -7.55 1.50 17.19
C LEU A 18 -6.75 0.78 16.12
N ALA A 19 -6.34 -0.46 16.43
CA ALA A 19 -5.57 -1.28 15.50
C ALA A 19 -6.36 -1.59 14.24
N TRP A 20 -7.65 -1.85 14.41
CA TRP A 20 -8.52 -2.13 13.27
C TRP A 20 -8.56 -0.91 12.35
N VAL A 21 -8.78 0.26 12.93
CA VAL A 21 -8.84 1.50 12.17
C VAL A 21 -7.51 1.73 11.46
N GLU A 22 -6.42 1.45 12.17
CA GLU A 22 -5.08 1.72 11.65
C GLU A 22 -4.71 0.78 10.50
N GLU A 23 -5.02 -0.50 10.62
CA GLU A 23 -4.74 -1.43 9.53
C GLU A 23 -5.54 -1.06 8.28
N ASN A 24 -6.77 -0.60 8.48
CA ASN A 24 -7.60 -0.23 7.35
C ASN A 24 -7.16 1.10 6.70
N GLN A 25 -6.59 1.99 7.51
CA GLN A 25 -6.00 3.21 6.97
C GLN A 25 -4.85 2.81 6.05
N HIS A 26 -4.04 1.87 6.52
CA HIS A 26 -2.98 1.30 5.71
C HIS A 26 -3.54 0.71 4.42
N ARG A 27 -4.60 -0.07 4.54
CA ARG A 27 -5.23 -0.71 3.39
C ARG A 27 -5.72 0.33 2.36
N VAL A 28 -6.49 1.31 2.83
CA VAL A 28 -6.98 2.34 1.93
C VAL A 28 -5.85 3.11 1.25
N ASP A 29 -4.85 3.53 2.05
CA ASP A 29 -3.78 4.39 1.54
C ASP A 29 -2.96 3.74 0.44
N GLY A 30 -2.78 2.43 0.51
CA GLY A 30 -1.89 1.74 -0.40
C GLY A 30 -2.53 1.05 -1.60
N ALA A 31 -3.85 1.07 -1.67
CA ALA A 31 -4.56 0.32 -2.70
C ALA A 31 -4.34 0.88 -4.12
N GLU A 32 -4.48 0.00 -5.11
CA GLU A 32 -4.35 0.36 -6.53
C GLU A 32 -5.63 1.01 -7.06
N TRP A 33 -5.57 1.50 -8.30
CA TRP A 33 -6.69 2.16 -8.93
C TRP A 33 -7.23 1.38 -10.12
N GLY A 34 -6.36 0.62 -10.77
CA GLY A 34 -6.75 -0.11 -11.97
C GLY A 34 -6.17 0.55 -13.19
N VAL A 35 -5.94 -0.24 -14.24
CA VAL A 35 -5.33 0.25 -15.46
C VAL A 35 -6.21 0.06 -16.70
N ASP A 36 -7.33 -0.65 -16.53
CA ASP A 36 -8.30 -0.82 -17.60
C ASP A 36 -9.67 -1.08 -16.99
N LEU A 37 -10.68 -1.28 -17.84
CA LEU A 37 -12.06 -1.39 -17.35
C LEU A 37 -12.28 -2.51 -16.32
N PRO A 38 -11.90 -3.75 -16.65
CA PRO A 38 -12.14 -4.83 -15.69
C PRO A 38 -11.37 -4.63 -14.38
N SER A 39 -10.14 -4.13 -14.45
CA SER A 39 -9.34 -3.92 -13.25
C SER A 39 -9.84 -2.75 -12.39
N VAL A 40 -10.39 -1.72 -13.03
CA VAL A 40 -10.98 -0.62 -12.30
C VAL A 40 -12.29 -1.05 -11.62
N GLU A 41 -13.09 -1.81 -12.35
CA GLU A 41 -14.34 -2.33 -11.79
C GLU A 41 -14.09 -3.20 -10.57
N ALA A 42 -13.02 -3.99 -10.63
CA ALA A 42 -12.69 -4.85 -9.50
C ALA A 42 -12.30 -4.02 -8.28
N GLN A 43 -11.47 -3.00 -8.47
CA GLN A 43 -11.07 -2.13 -7.36
C GLN A 43 -12.29 -1.41 -6.75
N LEU A 44 -13.18 -0.95 -7.61
CA LEU A 44 -14.39 -0.26 -7.17
C LEU A 44 -15.30 -1.21 -6.39
N GLY A 45 -15.52 -2.39 -6.94
CA GLY A 45 -16.33 -3.40 -6.28
C GLY A 45 -15.76 -3.72 -4.91
N SER A 46 -14.47 -4.00 -4.89
CA SER A 46 -13.79 -4.32 -3.65
C SER A 46 -13.88 -3.16 -2.64
N HIS A 47 -13.70 -1.94 -3.11
CA HIS A 47 -13.70 -0.83 -2.17
C HIS A 47 -15.08 -0.52 -1.61
N ARG A 48 -16.11 -0.78 -2.40
CA ARG A 48 -17.48 -0.61 -1.93
C ARG A 48 -17.74 -1.44 -0.67
N GLY A 49 -17.26 -2.67 -0.66
CA GLY A 49 -17.41 -3.54 0.49
C GLY A 49 -16.58 -3.05 1.67
N LEU A 50 -15.34 -2.63 1.40
CA LEU A 50 -14.49 -2.09 2.46
C LEU A 50 -15.10 -0.83 3.06
N HIS A 51 -15.71 0.00 2.21
CA HIS A 51 -16.26 1.25 2.70
C HIS A 51 -17.51 1.02 3.54
N GLN A 52 -18.34 0.08 3.13
CA GLN A 52 -19.51 -0.30 3.94
C GLN A 52 -19.05 -0.76 5.31
N SER A 53 -18.02 -1.59 5.33
CA SER A 53 -17.48 -2.13 6.58
C SER A 53 -16.97 -1.01 7.49
N ILE A 54 -16.34 0.00 6.91
CA ILE A 54 -15.86 1.15 7.66
C ILE A 54 -17.01 1.97 8.26
N GLU A 55 -18.03 2.22 7.47
CA GLU A 55 -19.23 2.90 7.98
C GLU A 55 -19.85 2.13 9.14
N GLU A 56 -19.96 0.82 8.96
CA GLU A 56 -20.55 -0.05 9.98
C GLU A 56 -19.73 -0.08 11.27
N PHE A 57 -18.44 0.23 11.16
CA PHE A 57 -17.54 0.16 12.31
C PHE A 57 -17.92 1.19 13.37
N ARG A 58 -18.58 2.26 12.96
CA ARG A 58 -19.00 3.30 13.88
C ARG A 58 -19.77 2.74 15.08
N ALA A 59 -20.64 1.77 14.83
CA ALA A 59 -21.44 1.18 15.89
C ALA A 59 -20.59 0.68 17.05
N LYS A 60 -19.39 0.18 16.74
CA LYS A 60 -18.48 -0.29 17.78
C LYS A 60 -17.87 0.86 18.56
N ILE A 61 -17.67 2.00 17.89
CA ILE A 61 -17.15 3.17 18.57
C ILE A 61 -18.22 3.78 19.48
N GLU A 62 -19.44 3.90 18.98
CA GLU A 62 -20.53 4.45 19.77
C GLU A 62 -20.86 3.57 20.97
N ARG A 63 -20.54 2.28 20.89
CA ARG A 63 -20.73 1.38 22.02
C ARG A 63 -19.66 1.59 23.07
N ALA A 64 -18.42 1.73 22.63
CA ALA A 64 -17.32 2.07 23.53
C ALA A 64 -17.62 3.41 24.21
N ARG A 65 -18.21 4.32 23.46
CA ARG A 65 -18.61 5.63 23.97
C ARG A 65 -19.72 5.48 25.03
N SER A 66 -20.62 4.53 24.80
CA SER A 66 -21.75 4.31 25.69
C SER A 66 -21.32 3.72 27.04
N ASP A 67 -20.36 2.79 26.98
CA ASP A 67 -19.86 2.14 28.18
C ASP A 67 -19.02 3.09 29.03
N GLU A 68 -19.03 4.36 28.66
CA GLU A 68 -18.26 5.39 29.34
C GLU A 68 -18.66 5.50 30.81
N GLY A 69 -19.97 5.53 31.06
CA GLY A 69 -20.49 5.70 32.40
C GLY A 69 -20.29 4.49 33.30
N GLN A 70 -19.66 3.45 32.76
CA GLN A 70 -19.40 2.24 33.52
C GLN A 70 -18.09 2.29 34.28
N LEU A 71 -17.23 3.24 33.94
CA LEU A 71 -15.93 3.35 34.60
C LEU A 71 -16.02 4.16 35.90
N SER A 72 -15.19 3.80 36.86
CA SER A 72 -15.08 4.56 38.10
C SER A 72 -14.40 5.90 37.80
N PRO A 73 -14.60 6.90 38.68
CA PRO A 73 -14.05 8.24 38.43
C PRO A 73 -12.56 8.26 38.14
N ALA A 74 -11.80 7.38 38.80
CA ALA A 74 -10.35 7.41 38.69
C ALA A 74 -9.83 6.94 37.33
N THR A 75 -10.67 6.26 36.56
CA THR A 75 -10.23 5.72 35.27
C THR A 75 -10.96 6.32 34.06
N ARG A 76 -11.98 7.13 34.30
CA ARG A 76 -12.73 7.73 33.20
C ARG A 76 -11.86 8.66 32.35
N GLY A 77 -10.93 9.36 33.00
CA GLY A 77 -10.06 10.29 32.30
C GLY A 77 -9.24 9.63 31.21
N ALA A 78 -8.53 8.56 31.56
CA ALA A 78 -7.67 7.86 30.62
C ALA A 78 -8.50 7.26 29.49
N TYR A 79 -9.62 6.64 29.86
CA TYR A 79 -10.53 6.03 28.90
C TYR A 79 -10.96 7.03 27.83
N ARG A 80 -11.44 8.19 28.28
CA ARG A 80 -11.88 9.25 27.37
C ARG A 80 -10.75 9.74 26.47
N ASP A 81 -9.55 9.88 27.03
CA ASP A 81 -8.38 10.22 26.24
C ASP A 81 -8.25 9.29 25.05
N CYS A 82 -8.34 7.98 25.30
CA CYS A 82 -8.20 6.98 24.27
C CYS A 82 -9.36 7.04 23.27
N LEU A 83 -10.55 7.33 23.78
CA LEU A 83 -11.71 7.52 22.92
C LEU A 83 -11.45 8.66 21.94
N GLY A 84 -10.86 9.75 22.43
CA GLY A 84 -10.56 10.90 21.61
C GLY A 84 -9.60 10.54 20.49
N ARG A 85 -8.60 9.72 20.80
CA ARG A 85 -7.71 9.21 19.77
C ARG A 85 -8.47 8.36 18.75
N LEU A 86 -9.39 7.54 19.23
CA LEU A 86 -10.18 6.67 18.35
C LEU A 86 -11.11 7.47 17.44
N ASP A 87 -11.82 8.43 17.99
CA ASP A 87 -12.69 9.29 17.19
C ASP A 87 -11.87 9.98 16.10
N LEU A 88 -10.67 10.38 16.47
CA LEU A 88 -9.78 11.12 15.57
C LEU A 88 -9.31 10.26 14.41
N GLN A 89 -8.74 9.10 14.72
CA GLN A 89 -8.20 8.22 13.68
C GLN A 89 -9.32 7.72 12.78
N TYR A 90 -10.48 7.45 13.36
CA TYR A 90 -11.62 6.97 12.60
C TYR A 90 -12.09 8.00 11.58
N ALA A 91 -12.09 9.27 12.00
CA ALA A 91 -12.51 10.34 11.11
C ALA A 91 -11.60 10.39 9.90
N LYS A 92 -10.29 10.27 10.14
CA LYS A 92 -9.32 10.26 9.05
C LYS A 92 -9.62 9.10 8.12
N LEU A 93 -9.85 7.93 8.70
CA LEU A 93 -10.08 6.73 7.90
C LEU A 93 -11.34 6.86 7.03
N LEU A 94 -12.41 7.37 7.62
CA LEU A 94 -13.68 7.50 6.92
C LEU A 94 -13.60 8.49 5.77
N ASN A 95 -12.89 9.58 5.99
CA ASN A 95 -12.72 10.58 4.94
C ASN A 95 -11.84 10.08 3.81
N SER A 96 -10.79 9.35 4.18
CA SER A 96 -9.95 8.70 3.18
C SER A 96 -10.77 7.70 2.36
N SER A 97 -11.63 6.95 3.03
CA SER A 97 -12.41 5.92 2.34
C SER A 97 -13.44 6.54 1.40
N LYS A 98 -14.07 7.64 1.83
CA LYS A 98 -15.03 8.35 0.99
C LYS A 98 -14.36 8.90 -0.26
N ALA A 99 -13.20 9.50 -0.09
CA ALA A 99 -12.48 10.11 -1.19
C ALA A 99 -12.04 9.03 -2.18
N ARG A 100 -11.54 7.90 -1.65
CA ARG A 100 -11.20 6.78 -2.52
C ARG A 100 -12.39 6.28 -3.32
N LEU A 101 -13.54 6.12 -2.67
CA LEU A 101 -14.75 5.70 -3.36
C LEU A 101 -15.10 6.68 -4.47
N ARG A 102 -15.06 7.96 -4.15
CA ARG A 102 -15.42 9.01 -5.10
C ARG A 102 -14.50 8.96 -6.32
N SER A 103 -13.20 8.87 -6.05
CA SER A 103 -12.21 8.81 -7.11
C SER A 103 -12.36 7.56 -7.97
N LEU A 104 -12.68 6.43 -7.34
CA LEU A 104 -12.88 5.19 -8.07
C LEU A 104 -14.12 5.29 -8.96
N GLU A 105 -15.16 5.95 -8.47
CA GLU A 105 -16.37 6.12 -9.25
C GLU A 105 -16.15 7.01 -10.47
N SER A 106 -15.47 8.14 -10.29
CA SER A 106 -15.19 9.01 -11.43
C SER A 106 -14.23 8.33 -12.41
N LEU A 107 -13.26 7.58 -11.90
CA LEU A 107 -12.33 6.86 -12.78
C LEU A 107 -13.08 5.82 -13.61
N HIS A 108 -13.92 5.04 -12.94
CA HIS A 108 -14.68 4.01 -13.64
C HIS A 108 -15.56 4.60 -14.74
N SER A 109 -16.28 5.67 -14.42
CA SER A 109 -17.10 6.35 -15.42
C SER A 109 -16.30 6.75 -16.66
N PHE A 110 -15.13 7.38 -16.45
CA PHE A 110 -14.30 7.83 -17.57
C PHE A 110 -13.73 6.67 -18.36
N VAL A 111 -13.13 5.72 -17.64
CA VAL A 111 -12.58 4.52 -18.26
C VAL A 111 -13.63 3.72 -19.03
N ALA A 112 -14.83 3.58 -18.48
CA ALA A 112 -15.89 2.84 -19.17
C ALA A 112 -16.30 3.51 -20.48
N ALA A 113 -16.43 4.84 -20.47
CA ALA A 113 -16.82 5.58 -21.67
C ALA A 113 -15.72 5.55 -22.73
N ALA A 114 -14.48 5.65 -22.29
CA ALA A 114 -13.36 5.65 -23.22
C ALA A 114 -13.19 4.29 -23.88
N THR A 115 -13.38 3.24 -23.09
CA THR A 115 -13.27 1.87 -23.58
C THR A 115 -14.32 1.63 -24.67
N LYS A 116 -15.54 2.07 -24.41
CA LYS A 116 -16.62 2.00 -25.39
C LYS A 116 -16.26 2.70 -26.71
N GLU A 117 -15.68 3.90 -26.64
CA GLU A 117 -15.35 4.62 -27.86
C GLU A 117 -14.12 4.03 -28.59
N LEU A 118 -13.20 3.45 -27.83
CA LEU A 118 -12.07 2.72 -28.43
C LEU A 118 -12.53 1.49 -29.22
N MET A 119 -13.52 0.78 -28.68
CA MET A 119 -14.04 -0.40 -29.37
C MET A 119 -14.83 0.00 -30.61
N TRP A 120 -15.57 1.09 -30.52
CA TRP A 120 -16.33 1.57 -31.66
C TRP A 120 -15.37 1.92 -32.80
N LEU A 121 -14.33 2.69 -32.47
CA LEU A 121 -13.36 3.11 -33.47
C LEU A 121 -12.69 1.92 -34.13
N ASN A 122 -12.26 0.96 -33.32
CA ASN A 122 -11.57 -0.21 -33.85
C ASN A 122 -12.47 -1.03 -34.76
N GLU A 123 -13.72 -1.19 -34.35
CA GLU A 123 -14.73 -1.90 -35.14
C GLU A 123 -15.01 -1.16 -36.46
N LYS A 124 -15.14 0.16 -36.40
CA LYS A 124 -15.38 0.96 -37.61
C LYS A 124 -14.21 0.83 -38.59
N GLU A 125 -13.00 0.80 -38.05
CA GLU A 125 -11.81 0.65 -38.88
C GLU A 125 -11.80 -0.68 -39.61
N GLU A 126 -12.18 -1.74 -38.90
CA GLU A 126 -12.24 -3.06 -39.52
C GLU A 126 -13.20 -3.04 -40.70
N GLU A 127 -14.40 -2.53 -40.47
CA GLU A 127 -15.41 -2.44 -41.52
C GLU A 127 -14.85 -1.69 -42.74
N GLU A 128 -14.38 -0.47 -42.53
CA GLU A 128 -13.94 0.36 -43.65
C GLU A 128 -12.71 -0.21 -44.39
N VAL A 129 -11.87 -0.96 -43.68
CA VAL A 129 -10.76 -1.65 -44.31
C VAL A 129 -11.22 -2.82 -45.17
N GLY A 130 -12.31 -3.47 -44.76
CA GLY A 130 -12.84 -4.59 -45.52
C GLY A 130 -13.38 -4.17 -46.88
N PHE A 131 -14.02 -3.00 -46.93
CA PHE A 131 -14.65 -2.49 -48.14
C PHE A 131 -13.66 -2.32 -49.30
N ASP A 132 -14.09 -2.63 -50.52
CA ASP A 132 -13.22 -2.51 -51.69
C ASP A 132 -13.20 -1.07 -52.23
N TRP A 133 -12.15 -0.33 -51.91
CA TRP A 133 -12.01 1.03 -52.41
C TRP A 133 -11.21 1.10 -53.71
N SER A 134 -10.56 0.00 -54.09
CA SER A 134 -9.63 0.02 -55.21
C SER A 134 -10.30 0.12 -56.58
N ASP A 135 -9.49 0.11 -57.63
CA ASP A 135 -9.97 0.18 -59.00
C ASP A 135 -10.78 -1.06 -59.38
N ARG A 136 -10.50 -2.18 -58.72
CA ARG A 136 -11.25 -3.41 -58.93
C ARG A 136 -12.75 -3.15 -58.74
N ASN A 137 -13.06 -2.22 -57.85
CA ASN A 137 -14.43 -1.73 -57.68
C ASN A 137 -14.60 -0.54 -58.62
N THR A 138 -15.34 -0.75 -59.70
CA THR A 138 -15.44 0.24 -60.77
C THR A 138 -16.49 1.33 -60.55
N ASN A 139 -17.31 1.16 -59.53
CA ASN A 139 -18.37 2.14 -59.24
C ASN A 139 -17.90 3.32 -58.37
N MET A 140 -17.30 4.33 -59.01
CA MET A 140 -16.79 5.49 -58.29
C MET A 140 -17.88 6.24 -57.54
N THR A 141 -19.11 6.18 -58.08
CA THR A 141 -20.26 6.84 -57.48
C THR A 141 -20.61 6.19 -56.14
N ALA A 142 -20.63 4.87 -56.13
CA ALA A 142 -20.94 4.11 -54.92
C ALA A 142 -19.87 4.36 -53.85
N LYS A 143 -18.62 4.36 -54.26
CA LYS A 143 -17.51 4.58 -53.32
C LYS A 143 -17.61 5.97 -52.67
N LYS A 144 -17.88 6.98 -53.49
CA LYS A 144 -18.05 8.34 -52.97
C LYS A 144 -19.20 8.45 -51.97
N GLU A 145 -20.28 7.74 -52.23
CA GLU A 145 -21.43 7.77 -51.33
C GLU A 145 -21.12 7.09 -50.01
N SER A 146 -20.28 6.05 -50.05
CA SER A 146 -19.88 5.37 -48.83
C SER A 146 -18.97 6.27 -47.99
N TYR A 147 -17.98 6.87 -48.64
CA TYR A 147 -17.06 7.76 -47.95
C TYR A 147 -17.82 8.92 -47.30
N SER A 148 -18.78 9.49 -48.02
CA SER A 148 -19.62 10.55 -47.46
C SER A 148 -20.34 10.08 -46.20
N ALA A 149 -20.89 8.88 -46.25
CA ALA A 149 -21.57 8.33 -45.07
C ALA A 149 -20.59 8.16 -43.91
N LEU A 150 -19.36 7.75 -44.22
CA LEU A 150 -18.33 7.62 -43.21
C LEU A 150 -18.01 8.96 -42.58
N MET A 151 -17.79 9.99 -43.41
CA MET A 151 -17.50 11.34 -42.91
C MET A 151 -18.60 11.86 -41.99
N ARG A 152 -19.85 11.61 -42.38
CA ARG A 152 -20.99 12.03 -41.60
C ARG A 152 -20.91 11.43 -40.19
N GLU A 153 -20.63 10.12 -40.14
CA GLU A 153 -20.52 9.42 -38.87
C GLU A 153 -19.36 9.92 -38.01
N LEU A 154 -18.22 10.17 -38.65
CA LEU A 154 -17.03 10.60 -37.94
C LEU A 154 -17.18 12.01 -37.39
N GLU A 155 -17.94 12.85 -38.07
CA GLU A 155 -18.17 14.21 -37.62
C GLU A 155 -18.93 14.22 -36.30
N LEU A 156 -19.88 13.32 -36.18
CA LEU A 156 -20.59 13.16 -34.91
C LEU A 156 -19.68 12.57 -33.85
N LYS A 157 -19.01 11.47 -34.21
CA LYS A 157 -18.13 10.77 -33.27
C LYS A 157 -17.04 11.68 -32.71
N GLU A 158 -16.50 12.54 -33.57
CA GLU A 158 -15.43 13.43 -33.15
C GLU A 158 -15.83 14.29 -31.94
N LYS A 159 -17.08 14.76 -31.92
CA LYS A 159 -17.55 15.58 -30.80
C LYS A 159 -17.55 14.79 -29.49
N LYS A 160 -17.98 13.54 -29.58
CA LYS A 160 -17.98 12.66 -28.42
C LYS A 160 -16.55 12.45 -27.92
N ILE A 161 -15.61 12.19 -28.83
CA ILE A 161 -14.22 12.00 -28.45
C ILE A 161 -13.71 13.25 -27.73
N LYS A 162 -14.00 14.43 -28.28
CA LYS A 162 -13.59 15.68 -27.65
C LYS A 162 -14.20 15.83 -26.26
N GLU A 163 -15.46 15.41 -26.13
CA GLU A 163 -16.15 15.46 -24.85
C GLU A 163 -15.38 14.59 -23.84
N LEU A 164 -14.93 13.42 -24.29
CA LEU A 164 -14.15 12.52 -23.44
C LEU A 164 -12.80 13.08 -23.01
N GLN A 165 -12.04 13.63 -23.96
CA GLN A 165 -10.76 14.24 -23.63
C GLN A 165 -10.94 15.30 -22.54
N ASN A 166 -11.92 16.19 -22.72
CA ASN A 166 -12.20 17.23 -21.72
C ASN A 166 -12.51 16.64 -20.34
N ALA A 167 -13.28 15.57 -20.32
CA ALA A 167 -13.64 14.90 -19.07
C ALA A 167 -12.37 14.44 -18.38
N GLY A 168 -11.47 13.84 -19.15
CA GLY A 168 -10.18 13.42 -18.61
C GLY A 168 -9.39 14.60 -18.05
N ASP A 169 -9.35 15.70 -18.81
CA ASP A 169 -8.65 16.90 -18.36
C ASP A 169 -9.22 17.41 -17.02
N ARG A 170 -10.54 17.38 -16.88
CA ARG A 170 -11.16 17.79 -15.62
C ARG A 170 -10.62 16.96 -14.47
N LEU A 171 -10.56 15.65 -14.66
CA LEU A 171 -10.03 14.75 -13.63
C LEU A 171 -8.59 15.12 -13.27
N LEU A 172 -7.78 15.44 -14.28
CA LEU A 172 -6.39 15.81 -14.03
C LEU A 172 -6.28 17.14 -13.28
N ARG A 173 -7.10 18.10 -13.71
CA ARG A 173 -7.16 19.40 -13.06
C ARG A 173 -7.51 19.24 -11.59
N GLU A 174 -8.26 18.17 -11.32
CA GLU A 174 -8.76 17.80 -10.00
C GLU A 174 -7.66 17.12 -9.20
N ASP A 175 -6.55 16.84 -9.86
CA ASP A 175 -5.46 16.12 -9.22
C ASP A 175 -5.88 14.67 -8.89
N HIS A 176 -6.64 14.05 -9.78
CA HIS A 176 -7.09 12.67 -9.56
C HIS A 176 -5.91 11.75 -9.29
N PRO A 177 -5.97 10.96 -8.21
CA PRO A 177 -4.83 10.12 -7.85
C PRO A 177 -4.53 9.01 -8.88
N ALA A 178 -5.46 8.75 -9.80
CA ALA A 178 -5.24 7.73 -10.83
C ALA A 178 -4.78 8.36 -12.15
N ARG A 179 -4.03 9.44 -12.05
CA ARG A 179 -3.51 10.15 -13.21
C ARG A 179 -2.96 9.26 -14.33
N PRO A 180 -2.09 8.30 -13.99
CA PRO A 180 -1.47 7.47 -15.03
C PRO A 180 -2.50 6.73 -15.88
N THR A 181 -3.54 6.21 -15.25
CA THR A 181 -4.58 5.50 -15.97
C THR A 181 -5.40 6.45 -16.86
N VAL A 182 -5.70 7.64 -16.34
CA VAL A 182 -6.45 8.63 -17.12
C VAL A 182 -5.65 9.07 -18.35
N GLU A 183 -4.39 9.42 -18.11
CA GLU A 183 -3.49 9.83 -19.18
C GLU A 183 -3.36 8.76 -20.26
N SER A 184 -3.26 7.49 -19.83
CA SER A 184 -3.06 6.42 -20.80
C SER A 184 -4.30 6.24 -21.67
N PHE A 185 -5.47 6.52 -21.12
CA PHE A 185 -6.69 6.44 -21.93
C PHE A 185 -6.86 7.65 -22.83
N GLN A 186 -6.36 8.80 -22.38
CA GLN A 186 -6.33 9.97 -23.25
C GLN A 186 -5.43 9.72 -24.46
N ALA A 187 -4.25 9.17 -24.21
CA ALA A 187 -3.32 8.84 -25.27
C ALA A 187 -3.89 7.78 -26.22
N ALA A 188 -4.56 6.78 -25.65
CA ALA A 188 -5.16 5.72 -26.45
C ALA A 188 -6.24 6.26 -27.40
N LEU A 189 -7.06 7.17 -26.89
CA LEU A 189 -8.11 7.78 -27.70
C LEU A 189 -7.53 8.61 -28.83
N GLN A 190 -6.50 9.39 -28.53
CA GLN A 190 -5.88 10.26 -29.53
C GLN A 190 -5.19 9.43 -30.61
N THR A 191 -4.55 8.33 -30.19
CA THR A 191 -3.90 7.41 -31.12
C THR A 191 -4.91 6.75 -32.07
N GLN A 192 -6.01 6.25 -31.51
CA GLN A 192 -7.03 5.61 -32.33
C GLN A 192 -7.65 6.61 -33.29
N TRP A 193 -7.90 7.82 -32.81
CA TRP A 193 -8.46 8.86 -33.67
C TRP A 193 -7.51 9.17 -34.82
N SER A 194 -6.23 9.30 -34.53
CA SER A 194 -5.26 9.59 -35.57
C SER A 194 -5.22 8.45 -36.61
N TRP A 195 -5.33 7.20 -36.14
CA TRP A 195 -5.37 6.06 -37.06
C TRP A 195 -6.58 6.19 -37.98
N MET A 196 -7.73 6.53 -37.41
CA MET A 196 -8.94 6.74 -38.19
C MET A 196 -8.73 7.84 -39.24
N LEU A 197 -8.13 8.96 -38.83
CA LEU A 197 -7.85 10.04 -39.77
C LEU A 197 -6.93 9.54 -40.89
N GLN A 198 -5.90 8.79 -40.50
CA GLN A 198 -4.98 8.20 -41.44
C GLN A 198 -5.74 7.32 -42.45
N LEU A 199 -6.66 6.53 -41.95
CA LEU A 199 -7.46 5.65 -42.80
C LEU A 199 -8.27 6.46 -43.81
N CYS A 200 -8.83 7.58 -43.36
CA CYS A 200 -9.62 8.42 -44.25
C CYS A 200 -8.78 8.94 -45.41
N CYS A 201 -7.52 9.25 -45.12
CA CYS A 201 -6.60 9.71 -46.15
C CYS A 201 -6.31 8.61 -47.19
N CYS A 202 -6.06 7.39 -46.72
CA CYS A 202 -5.84 6.26 -47.63
C CYS A 202 -7.05 6.08 -48.54
N ILE A 203 -8.22 6.21 -47.95
CA ILE A 203 -9.46 6.03 -48.70
C ILE A 203 -9.60 7.09 -49.78
N GLU A 204 -9.43 8.36 -49.41
CA GLU A 204 -9.62 9.44 -50.39
C GLU A 204 -8.57 9.39 -51.50
N ALA A 205 -7.48 8.68 -51.25
CA ALA A 205 -6.49 8.44 -52.29
C ALA A 205 -7.07 7.61 -53.43
N HIS A 206 -8.07 6.79 -53.13
CA HIS A 206 -8.72 5.95 -54.15
C HIS A 206 -9.87 6.67 -54.83
N LEU A 207 -10.27 7.81 -54.29
CA LEU A 207 -11.40 8.55 -54.83
C LEU A 207 -10.97 9.74 -55.69
N LYS A 208 -9.67 9.87 -55.91
CA LYS A 208 -9.14 10.96 -56.71
C LYS A 208 -8.86 10.53 -58.15
N HIS B 3 11.19 4.80 -28.64
CA HIS B 3 11.77 4.41 -29.92
C HIS B 3 11.28 3.04 -30.38
N MET B 4 11.68 2.67 -31.59
CA MET B 4 11.23 1.41 -32.19
C MET B 4 11.95 0.20 -31.60
N GLU B 5 11.20 -0.88 -31.40
CA GLU B 5 11.75 -2.15 -30.95
C GLU B 5 11.25 -3.27 -31.86
N LEU B 6 12.13 -4.19 -32.22
CA LEU B 6 11.74 -5.35 -33.00
C LEU B 6 10.70 -6.15 -32.23
N GLU B 7 9.82 -6.83 -32.96
CA GLU B 7 8.82 -7.67 -32.32
C GLU B 7 9.46 -8.70 -31.39
N ASP B 8 10.52 -9.33 -31.86
CA ASP B 8 11.20 -10.37 -31.09
C ASP B 8 11.71 -9.83 -29.75
N SER B 9 12.20 -8.60 -29.77
CA SER B 9 12.67 -7.95 -28.55
C SER B 9 11.51 -7.69 -27.60
N THR B 10 10.40 -7.22 -28.16
CA THR B 10 9.21 -6.92 -27.36
C THR B 10 8.72 -8.16 -26.63
N LEU B 11 8.64 -9.28 -27.35
CA LEU B 11 8.22 -10.54 -26.75
C LEU B 11 9.22 -11.01 -25.69
N ARG B 12 10.51 -10.86 -25.98
CA ARG B 12 11.55 -11.30 -25.04
C ARG B 12 11.43 -10.53 -23.73
N TYR B 13 11.17 -9.24 -23.85
CA TYR B 13 11.07 -8.34 -22.71
C TYR B 13 9.95 -8.75 -21.74
N LEU B 14 8.79 -9.11 -22.28
CA LEU B 14 7.67 -9.54 -21.44
C LEU B 14 8.07 -10.77 -20.63
N GLN B 15 8.73 -11.73 -21.27
CA GLN B 15 9.21 -12.92 -20.58
C GLN B 15 10.23 -12.55 -19.51
N ASP B 16 11.10 -11.59 -19.82
CA ASP B 16 12.04 -11.08 -18.82
C ASP B 16 11.28 -10.56 -17.61
N LEU B 17 10.21 -9.81 -17.85
CA LEU B 17 9.41 -9.23 -16.76
C LEU B 17 8.78 -10.28 -15.86
N LEU B 18 8.21 -11.32 -16.47
CA LEU B 18 7.62 -12.43 -15.71
C LEU B 18 8.67 -13.15 -14.87
N ALA B 19 9.81 -13.45 -15.48
CA ALA B 19 10.90 -14.09 -14.76
C ALA B 19 11.36 -13.23 -13.60
N TRP B 20 11.42 -11.91 -13.81
CA TRP B 20 11.85 -11.00 -12.76
C TRP B 20 10.88 -11.05 -11.58
N VAL B 21 9.58 -11.06 -11.88
CA VAL B 21 8.59 -11.12 -10.81
C VAL B 21 8.70 -12.43 -10.05
N GLU B 22 8.84 -13.53 -10.79
CA GLU B 22 8.98 -14.84 -10.17
C GLU B 22 10.27 -14.94 -9.34
N GLU B 23 11.35 -14.35 -9.84
CA GLU B 23 12.62 -14.35 -9.12
C GLU B 23 12.46 -13.66 -7.77
N ASN B 24 11.79 -12.52 -7.78
CA ASN B 24 11.71 -11.71 -6.57
C ASN B 24 10.64 -12.16 -5.57
N GLN B 25 9.66 -12.91 -6.06
CA GLN B 25 8.67 -13.48 -5.17
C GLN B 25 9.36 -14.47 -4.23
N HIS B 26 10.16 -15.36 -4.81
CA HIS B 26 10.90 -16.32 -3.99
C HIS B 26 11.90 -15.61 -3.09
N ARG B 27 12.52 -14.55 -3.62
CA ARG B 27 13.44 -13.75 -2.84
C ARG B 27 12.75 -13.18 -1.60
N VAL B 28 11.60 -12.53 -1.81
CA VAL B 28 10.85 -11.95 -0.70
C VAL B 28 10.35 -13.03 0.27
N ASP B 29 9.85 -14.12 -0.29
CA ASP B 29 9.24 -15.18 0.53
C ASP B 29 10.24 -15.86 1.44
N GLY B 30 11.47 -16.04 0.96
CA GLY B 30 12.47 -16.76 1.73
C GLY B 30 13.45 -15.90 2.50
N ALA B 31 13.13 -14.62 2.67
CA ALA B 31 14.04 -13.70 3.35
C ALA B 31 13.95 -13.82 4.87
N GLU B 32 14.98 -13.32 5.54
CA GLU B 32 15.06 -13.40 7.01
C GLU B 32 14.65 -12.11 7.69
N TRP B 33 14.58 -12.14 9.02
CA TRP B 33 14.10 -10.99 9.79
C TRP B 33 15.17 -10.33 10.66
N GLY B 34 16.11 -11.12 11.16
CA GLY B 34 17.13 -10.61 12.07
C GLY B 34 16.91 -11.07 13.49
N VAL B 35 17.97 -11.10 14.29
CA VAL B 35 17.87 -11.56 15.67
C VAL B 35 18.26 -10.48 16.68
N ASP B 36 18.77 -9.36 16.17
CA ASP B 36 19.11 -8.22 17.02
C ASP B 36 19.01 -6.93 16.22
N LEU B 37 19.29 -5.80 16.87
CA LEU B 37 19.17 -4.52 16.20
C LEU B 37 20.00 -4.44 14.91
N PRO B 38 21.31 -4.75 14.99
CA PRO B 38 22.15 -4.65 13.78
C PRO B 38 21.60 -5.48 12.61
N SER B 39 21.26 -6.75 12.86
CA SER B 39 20.80 -7.63 11.78
C SER B 39 19.40 -7.26 11.30
N VAL B 40 18.54 -6.80 12.21
CA VAL B 40 17.22 -6.33 11.82
C VAL B 40 17.34 -5.08 10.95
N GLU B 41 18.22 -4.17 11.35
CA GLU B 41 18.45 -2.94 10.59
C GLU B 41 18.97 -3.24 9.19
N ALA B 42 19.88 -4.21 9.09
CA ALA B 42 20.42 -4.58 7.79
C ALA B 42 19.32 -5.11 6.89
N GLN B 43 18.42 -5.92 7.47
CA GLN B 43 17.31 -6.50 6.74
C GLN B 43 16.33 -5.43 6.28
N LEU B 44 16.01 -4.49 7.18
CA LEU B 44 15.12 -3.39 6.84
C LEU B 44 15.69 -2.54 5.71
N GLY B 45 16.93 -2.09 5.88
CA GLY B 45 17.57 -1.26 4.88
C GLY B 45 17.67 -1.97 3.55
N SER B 46 18.04 -3.23 3.60
CA SER B 46 18.16 -4.04 2.40
C SER B 46 16.80 -4.15 1.68
N HIS B 47 15.74 -4.25 2.45
CA HIS B 47 14.40 -4.42 1.87
C HIS B 47 13.80 -3.12 1.33
N ARG B 48 14.12 -1.99 1.94
CA ARG B 48 13.64 -0.72 1.43
C ARG B 48 14.02 -0.59 -0.03
N GLY B 49 15.27 -0.97 -0.34
CA GLY B 49 15.77 -0.91 -1.70
C GLY B 49 15.03 -1.85 -2.64
N LEU B 50 14.81 -3.09 -2.19
CA LEU B 50 14.08 -4.05 -2.99
C LEU B 50 12.66 -3.54 -3.25
N HIS B 51 12.00 -3.11 -2.18
CA HIS B 51 10.62 -2.68 -2.29
C HIS B 51 10.44 -1.49 -3.22
N GLN B 52 11.33 -0.50 -3.13
CA GLN B 52 11.27 0.63 -4.05
C GLN B 52 11.40 0.13 -5.49
N SER B 53 12.32 -0.81 -5.68
CA SER B 53 12.52 -1.44 -6.99
C SER B 53 11.25 -2.11 -7.48
N ILE B 54 10.55 -2.78 -6.57
CA ILE B 54 9.31 -3.46 -6.93
C ILE B 54 8.22 -2.45 -7.27
N GLU B 55 8.14 -1.37 -6.51
CA GLU B 55 7.18 -0.31 -6.80
C GLU B 55 7.45 0.32 -8.16
N GLU B 56 8.73 0.50 -8.47
CA GLU B 56 9.12 1.15 -9.72
C GLU B 56 8.86 0.24 -10.92
N PHE B 57 8.68 -1.04 -10.63
CA PHE B 57 8.52 -2.05 -11.66
C PHE B 57 7.21 -1.88 -12.43
N ARG B 58 6.22 -1.26 -11.79
CA ARG B 58 4.95 -0.98 -12.44
C ARG B 58 5.12 -0.26 -13.79
N ALA B 59 6.02 0.72 -13.84
CA ALA B 59 6.26 1.45 -15.08
C ALA B 59 6.65 0.51 -16.21
N LYS B 60 7.46 -0.49 -15.91
CA LYS B 60 7.89 -1.45 -16.92
C LYS B 60 6.71 -2.28 -17.40
N ILE B 61 5.81 -2.64 -16.49
CA ILE B 61 4.62 -3.37 -16.85
C ILE B 61 3.74 -2.56 -17.79
N GLU B 62 3.53 -1.29 -17.46
CA GLU B 62 2.70 -0.42 -18.29
C GLU B 62 3.33 -0.17 -19.66
N ARG B 63 4.66 -0.11 -19.72
CA ARG B 63 5.34 -0.03 -21.01
C ARG B 63 5.05 -1.28 -21.85
N ALA B 64 5.16 -2.44 -21.23
CA ALA B 64 4.83 -3.69 -21.89
C ALA B 64 3.38 -3.69 -22.35
N ARG B 65 2.49 -3.17 -21.52
CA ARG B 65 1.08 -3.10 -21.91
C ARG B 65 0.91 -2.27 -23.18
N SER B 66 1.60 -1.14 -23.28
CA SER B 66 1.48 -0.28 -24.45
C SER B 66 2.11 -0.89 -25.69
N ASP B 67 3.14 -1.71 -25.50
CA ASP B 67 3.91 -2.22 -26.63
C ASP B 67 3.21 -3.33 -27.40
N GLU B 68 2.03 -3.74 -26.94
CA GLU B 68 1.24 -4.71 -27.67
C GLU B 68 0.95 -4.20 -29.08
N GLY B 69 0.93 -2.88 -29.23
CA GLY B 69 0.64 -2.26 -30.51
C GLY B 69 1.81 -2.35 -31.49
N GLN B 70 2.95 -2.79 -30.97
CA GLN B 70 4.16 -2.92 -31.80
C GLN B 70 4.38 -4.36 -32.26
N LEU B 71 3.32 -5.16 -32.23
CA LEU B 71 3.40 -6.58 -32.59
C LEU B 71 2.53 -6.91 -33.79
N SER B 72 2.90 -7.96 -34.51
CA SER B 72 2.04 -8.49 -35.57
C SER B 72 0.77 -9.04 -34.91
N PRO B 73 -0.35 -8.99 -35.63
CA PRO B 73 -1.62 -9.52 -35.12
C PRO B 73 -1.48 -10.93 -34.54
N ALA B 74 -0.50 -11.68 -35.06
CA ALA B 74 -0.38 -13.10 -34.78
C ALA B 74 0.12 -13.42 -33.38
N THR B 75 0.83 -12.48 -32.77
CA THR B 75 1.45 -12.74 -31.47
C THR B 75 0.73 -12.04 -30.32
N ARG B 76 -0.27 -11.23 -30.65
CA ARG B 76 -0.93 -10.41 -29.65
C ARG B 76 -1.77 -11.21 -28.65
N GLY B 77 -2.41 -12.28 -29.13
CA GLY B 77 -3.21 -13.13 -28.27
C GLY B 77 -2.41 -13.77 -27.14
N ALA B 78 -1.29 -14.39 -27.47
CA ALA B 78 -0.42 -15.00 -26.47
C ALA B 78 0.27 -13.95 -25.58
N TYR B 79 0.56 -12.80 -26.18
CA TYR B 79 1.15 -11.68 -25.46
C TYR B 79 0.19 -11.17 -24.40
N ARG B 80 -1.08 -10.99 -24.78
CA ARG B 80 -2.10 -10.56 -23.84
C ARG B 80 -2.30 -11.55 -22.70
N ASP B 81 -2.15 -12.84 -22.99
CA ASP B 81 -2.26 -13.86 -21.96
C ASP B 81 -1.14 -13.73 -20.94
N CYS B 82 0.07 -13.49 -21.43
CA CYS B 82 1.21 -13.33 -20.53
C CYS B 82 1.08 -12.06 -19.72
N LEU B 83 0.57 -11.00 -20.34
CA LEU B 83 0.28 -9.76 -19.61
C LEU B 83 -0.64 -10.04 -18.44
N GLY B 84 -1.70 -10.80 -18.69
CA GLY B 84 -2.65 -11.17 -17.64
C GLY B 84 -1.99 -11.89 -16.47
N ARG B 85 -1.13 -12.86 -16.78
CA ARG B 85 -0.38 -13.56 -15.75
C ARG B 85 0.53 -12.61 -14.98
N LEU B 86 1.14 -11.66 -15.71
CA LEU B 86 2.07 -10.71 -15.11
C LEU B 86 1.36 -9.81 -14.10
N ASP B 87 0.20 -9.30 -14.50
CA ASP B 87 -0.62 -8.52 -13.59
C ASP B 87 -0.90 -9.28 -12.29
N LEU B 88 -1.31 -10.54 -12.40
CA LEU B 88 -1.60 -11.35 -11.22
C LEU B 88 -0.34 -11.58 -10.37
N GLN B 89 0.73 -12.04 -11.00
CA GLN B 89 1.96 -12.33 -10.27
C GLN B 89 2.49 -11.07 -9.60
N TYR B 90 2.49 -9.96 -10.33
CA TYR B 90 2.96 -8.69 -9.78
C TYR B 90 2.15 -8.27 -8.57
N ALA B 91 0.83 -8.39 -8.66
CA ALA B 91 -0.04 -8.01 -7.55
C ALA B 91 0.35 -8.77 -6.30
N LYS B 92 0.61 -10.07 -6.47
CA LYS B 92 1.03 -10.91 -5.35
C LYS B 92 2.37 -10.46 -4.77
N LEU B 93 3.33 -10.16 -5.64
CA LEU B 93 4.67 -9.74 -5.20
C LEU B 93 4.63 -8.41 -4.45
N LEU B 94 3.94 -7.42 -5.02
CA LEU B 94 3.82 -6.12 -4.39
C LEU B 94 3.16 -6.25 -3.02
N ASN B 95 2.12 -7.07 -2.95
CA ASN B 95 1.43 -7.32 -1.71
C ASN B 95 2.40 -7.91 -0.68
N SER B 96 3.04 -9.01 -1.04
CA SER B 96 4.03 -9.64 -0.19
C SER B 96 5.07 -8.62 0.28
N SER B 97 5.55 -7.80 -0.64
CA SER B 97 6.62 -6.86 -0.33
C SER B 97 6.18 -5.77 0.64
N LYS B 98 4.95 -5.30 0.50
CA LYS B 98 4.40 -4.32 1.41
C LYS B 98 4.29 -4.91 2.82
N ALA B 99 3.84 -6.16 2.89
CA ALA B 99 3.69 -6.83 4.18
C ALA B 99 5.06 -7.02 4.86
N ARG B 100 6.03 -7.51 4.10
CA ARG B 100 7.36 -7.71 4.66
C ARG B 100 7.99 -6.40 5.13
N LEU B 101 7.76 -5.33 4.40
CA LEU B 101 8.30 -4.03 4.81
C LEU B 101 7.63 -3.57 6.11
N ARG B 102 6.31 -3.73 6.17
CA ARG B 102 5.53 -3.33 7.34
C ARG B 102 5.97 -4.12 8.57
N SER B 103 6.21 -5.42 8.40
CA SER B 103 6.67 -6.27 9.48
C SER B 103 8.07 -5.89 9.94
N LEU B 104 8.97 -5.66 8.99
CA LEU B 104 10.34 -5.27 9.33
C LEU B 104 10.35 -3.95 10.09
N GLU B 105 9.46 -3.03 9.71
CA GLU B 105 9.41 -1.72 10.35
C GLU B 105 8.93 -1.80 11.79
N SER B 106 7.90 -2.60 12.03
CA SER B 106 7.38 -2.78 13.38
C SER B 106 8.39 -3.54 14.22
N LEU B 107 9.04 -4.53 13.62
CA LEU B 107 10.05 -5.33 14.31
C LEU B 107 11.21 -4.44 14.76
N HIS B 108 11.69 -3.61 13.85
CA HIS B 108 12.82 -2.74 14.13
C HIS B 108 12.50 -1.76 15.26
N SER B 109 11.33 -1.15 15.20
CA SER B 109 10.88 -0.22 16.24
C SER B 109 10.94 -0.89 17.61
N PHE B 110 10.41 -2.11 17.68
CA PHE B 110 10.39 -2.85 18.93
C PHE B 110 11.80 -3.23 19.41
N VAL B 111 12.62 -3.76 18.51
CA VAL B 111 13.97 -4.18 18.85
C VAL B 111 14.86 -2.99 19.20
N ALA B 112 14.74 -1.91 18.45
CA ALA B 112 15.47 -0.69 18.78
C ALA B 112 15.12 -0.22 20.18
N ALA B 113 13.82 -0.23 20.50
CA ALA B 113 13.35 0.20 21.80
C ALA B 113 13.83 -0.74 22.90
N ALA B 114 13.67 -2.03 22.69
CA ALA B 114 14.10 -3.04 23.66
C ALA B 114 15.59 -2.92 23.92
N THR B 115 16.36 -2.80 22.85
CA THR B 115 17.82 -2.75 22.93
C THR B 115 18.33 -1.57 23.77
N LYS B 116 17.65 -0.42 23.66
CA LYS B 116 18.10 0.74 24.43
C LYS B 116 17.69 0.64 25.90
N GLU B 117 16.54 -0.01 26.16
CA GLU B 117 16.14 -0.23 27.55
C GLU B 117 17.06 -1.27 28.21
N LEU B 118 17.49 -2.28 27.45
CA LEU B 118 18.41 -3.28 27.98
C LEU B 118 19.79 -2.66 28.27
N MET B 119 20.24 -1.75 27.42
CA MET B 119 21.50 -1.07 27.66
C MET B 119 21.44 -0.21 28.91
N TRP B 120 20.34 0.51 29.10
CA TRP B 120 20.16 1.34 30.27
C TRP B 120 20.22 0.47 31.55
N LEU B 121 19.49 -0.63 31.53
CA LEU B 121 19.47 -1.54 32.68
C LEU B 121 20.84 -2.11 32.99
N ASN B 122 21.59 -2.46 31.96
CA ASN B 122 22.90 -3.07 32.17
C ASN B 122 23.90 -2.07 32.73
N GLU B 123 23.82 -0.83 32.27
CA GLU B 123 24.69 0.22 32.77
C GLU B 123 24.29 0.61 34.19
N LYS B 124 22.99 0.71 34.43
CA LYS B 124 22.49 1.02 35.76
C LYS B 124 22.90 -0.06 36.75
N GLU B 125 22.83 -1.32 36.31
CA GLU B 125 23.22 -2.45 37.15
C GLU B 125 24.69 -2.39 37.51
N GLU B 126 25.54 -2.17 36.51
CA GLU B 126 26.98 -2.07 36.74
C GLU B 126 27.33 -0.91 37.67
N GLU B 127 26.67 0.22 37.48
CA GLU B 127 26.90 1.39 38.33
C GLU B 127 26.57 1.10 39.80
N GLU B 128 25.39 0.57 40.05
CA GLU B 128 24.94 0.32 41.43
C GLU B 128 25.77 -0.76 42.11
N VAL B 129 26.14 -1.79 41.35
CA VAL B 129 27.00 -2.84 41.89
C VAL B 129 28.38 -2.27 42.25
N GLY B 130 28.84 -1.30 41.46
CA GLY B 130 30.12 -0.68 41.73
C GLY B 130 30.12 0.11 43.02
N PHE B 131 29.03 0.85 43.24
CA PHE B 131 28.95 1.81 44.34
C PHE B 131 29.19 1.16 45.71
N ASP B 132 29.84 1.91 46.60
CA ASP B 132 30.17 1.39 47.92
C ASP B 132 28.99 1.54 48.89
N TRP B 133 28.27 0.45 49.13
CA TRP B 133 27.15 0.47 50.06
C TRP B 133 27.54 0.01 51.46
N SER B 134 28.76 -0.53 51.59
CA SER B 134 29.22 -1.14 52.85
C SER B 134 29.37 -0.14 54.01
N ASP B 135 29.72 -0.68 55.17
CA ASP B 135 30.00 0.13 56.36
C ASP B 135 31.16 1.09 56.12
N ARG B 136 32.09 0.69 55.25
CA ARG B 136 33.26 1.52 54.96
C ARG B 136 32.84 2.86 54.36
N ASN B 137 31.61 2.91 53.87
CA ASN B 137 31.02 4.18 53.45
C ASN B 137 30.16 4.71 54.59
N THR B 138 30.68 5.72 55.30
CA THR B 138 30.04 6.22 56.50
C THR B 138 28.95 7.25 56.24
N ASN B 139 28.89 7.73 55.00
CA ASN B 139 27.89 8.73 54.63
C ASN B 139 26.52 8.11 54.37
N MET B 140 25.85 7.69 55.44
CA MET B 140 24.58 6.99 55.32
C MET B 140 23.51 7.86 54.65
N THR B 141 23.54 9.15 54.93
CA THR B 141 22.56 10.06 54.34
C THR B 141 22.67 10.07 52.82
N ALA B 142 23.89 10.11 52.32
CA ALA B 142 24.13 10.09 50.88
C ALA B 142 23.67 8.75 50.29
N LYS B 143 24.02 7.65 50.95
CA LYS B 143 23.60 6.34 50.48
C LYS B 143 22.08 6.26 50.35
N LYS B 144 21.37 6.76 51.36
CA LYS B 144 19.92 6.76 51.32
C LYS B 144 19.38 7.62 50.18
N GLU B 145 20.09 8.71 49.87
CA GLU B 145 19.68 9.61 48.80
C GLU B 145 19.93 9.00 47.41
N SER B 146 21.03 8.28 47.28
CA SER B 146 21.30 7.55 46.03
C SER B 146 20.22 6.51 45.79
N TYR B 147 19.94 5.72 46.83
CA TYR B 147 18.94 4.66 46.74
C TYR B 147 17.58 5.23 46.37
N SER B 148 17.20 6.32 47.04
CA SER B 148 15.93 6.97 46.79
C SER B 148 15.82 7.46 45.35
N ALA B 149 16.90 8.07 44.86
CA ALA B 149 16.93 8.55 43.48
C ALA B 149 16.85 7.40 42.49
N LEU B 150 17.55 6.32 42.81
CA LEU B 150 17.52 5.11 41.99
C LEU B 150 16.10 4.57 41.85
N MET B 151 15.41 4.42 42.98
CA MET B 151 14.04 3.93 42.97
C MET B 151 13.08 4.83 42.19
N ARG B 152 13.30 6.14 42.25
CA ARG B 152 12.46 7.07 41.49
C ARG B 152 12.63 6.89 39.98
N GLU B 153 13.87 6.70 39.54
CA GLU B 153 14.15 6.40 38.14
C GLU B 153 13.50 5.08 37.70
N LEU B 154 13.59 4.07 38.57
CA LEU B 154 13.03 2.76 38.24
C LEU B 154 11.51 2.79 38.16
N GLU B 155 10.88 3.62 38.98
CA GLU B 155 9.43 3.77 38.91
C GLU B 155 9.01 4.26 37.52
N LEU B 156 9.83 5.12 36.94
CA LEU B 156 9.58 5.62 35.60
C LEU B 156 9.88 4.52 34.57
N LYS B 157 11.01 3.85 34.75
CA LYS B 157 11.40 2.77 33.85
C LYS B 157 10.38 1.63 33.82
N GLU B 158 9.76 1.35 34.97
CA GLU B 158 8.77 0.28 35.04
C GLU B 158 7.63 0.52 34.04
N LYS B 159 7.16 1.75 33.98
CA LYS B 159 6.11 2.14 33.04
C LYS B 159 6.56 1.89 31.62
N LYS B 160 7.74 2.43 31.30
CA LYS B 160 8.33 2.33 29.96
C LYS B 160 8.44 0.87 29.53
N ILE B 161 9.05 0.05 30.37
CA ILE B 161 9.28 -1.36 30.06
C ILE B 161 7.97 -2.15 29.95
N LYS B 162 7.02 -1.87 30.84
CA LYS B 162 5.70 -2.47 30.74
C LYS B 162 5.04 -2.11 29.41
N GLU B 163 5.18 -0.86 29.01
CA GLU B 163 4.68 -0.37 27.73
C GLU B 163 5.32 -1.13 26.57
N LEU B 164 6.64 -1.30 26.64
CA LEU B 164 7.37 -2.08 25.65
C LEU B 164 6.84 -3.51 25.56
N GLN B 165 6.66 -4.16 26.71
CA GLN B 165 6.14 -5.53 26.74
C GLN B 165 4.75 -5.61 26.13
N ASN B 166 3.95 -4.58 26.35
CA ASN B 166 2.64 -4.48 25.72
C ASN B 166 2.74 -4.44 24.19
N ALA B 167 3.64 -3.60 23.70
CA ALA B 167 3.90 -3.51 22.26
C ALA B 167 4.32 -4.85 21.68
N GLY B 168 5.20 -5.54 22.41
CA GLY B 168 5.64 -6.86 22.01
C GLY B 168 4.48 -7.84 21.96
N ASP B 169 3.66 -7.83 23.01
CA ASP B 169 2.50 -8.69 23.09
C ASP B 169 1.59 -8.53 21.88
N ARG B 170 1.40 -7.29 21.43
CA ARG B 170 0.55 -7.02 20.29
C ARG B 170 1.10 -7.66 19.02
N LEU B 171 2.39 -7.46 18.78
CA LEU B 171 3.07 -8.06 17.62
C LEU B 171 2.81 -9.55 17.54
N LEU B 172 2.83 -10.23 18.69
CA LEU B 172 2.64 -11.67 18.73
C LEU B 172 1.20 -12.07 18.43
N ARG B 173 0.26 -11.23 18.84
CA ARG B 173 -1.15 -11.47 18.57
C ARG B 173 -1.50 -11.25 17.10
N GLU B 174 -0.65 -10.48 16.41
CA GLU B 174 -0.84 -10.25 14.98
C GLU B 174 -0.08 -11.29 14.18
N ASP B 175 0.37 -12.34 14.86
CA ASP B 175 1.12 -13.42 14.22
C ASP B 175 2.31 -12.90 13.43
N HIS B 176 3.00 -11.90 14.01
CA HIS B 176 4.19 -11.36 13.39
C HIS B 176 5.12 -12.51 13.01
N PRO B 177 5.73 -12.44 11.81
CA PRO B 177 6.61 -13.49 11.29
C PRO B 177 7.91 -13.64 12.07
N ALA B 178 8.32 -12.60 12.81
CA ALA B 178 9.56 -12.67 13.58
C ALA B 178 9.29 -12.90 15.07
N ARG B 179 8.34 -13.79 15.35
CA ARG B 179 7.96 -14.13 16.71
C ARG B 179 9.17 -14.48 17.60
N PRO B 180 10.08 -15.33 17.11
CA PRO B 180 11.25 -15.74 17.89
C PRO B 180 12.05 -14.53 18.39
N THR B 181 12.30 -13.57 17.51
CA THR B 181 13.06 -12.39 17.88
C THR B 181 12.31 -11.56 18.93
N VAL B 182 10.99 -11.40 18.73
CA VAL B 182 10.17 -10.62 19.66
C VAL B 182 10.15 -11.26 21.05
N GLU B 183 9.85 -12.54 21.10
CA GLU B 183 9.82 -13.29 22.35
C GLU B 183 11.18 -13.26 23.03
N SER B 184 12.23 -13.36 22.24
CA SER B 184 13.58 -13.36 22.75
C SER B 184 13.84 -12.07 23.53
N PHE B 185 13.43 -10.94 22.95
CA PHE B 185 13.65 -9.65 23.62
C PHE B 185 12.72 -9.43 24.81
N GLN B 186 11.54 -10.03 24.78
CA GLN B 186 10.63 -9.91 25.91
C GLN B 186 11.21 -10.63 27.13
N ALA B 187 11.76 -11.81 26.89
CA ALA B 187 12.38 -12.59 27.95
C ALA B 187 13.60 -11.86 28.51
N ALA B 188 14.40 -11.27 27.63
CA ALA B 188 15.59 -10.54 28.07
C ALA B 188 15.22 -9.37 28.97
N LEU B 189 14.26 -8.56 28.53
CA LEU B 189 13.75 -7.46 29.35
C LEU B 189 13.30 -7.98 30.72
N GLN B 190 12.46 -9.02 30.70
CA GLN B 190 11.95 -9.59 31.93
C GLN B 190 13.07 -10.08 32.84
N THR B 191 13.99 -10.84 32.27
CA THR B 191 15.13 -11.34 33.04
C THR B 191 15.89 -10.21 33.73
N GLN B 192 16.17 -9.14 32.98
CA GLN B 192 16.93 -8.02 33.54
C GLN B 192 16.13 -7.21 34.57
N TRP B 193 14.83 -7.04 34.32
CA TRP B 193 14.00 -6.32 35.28
C TRP B 193 13.96 -7.07 36.61
N SER B 194 13.81 -8.39 36.56
CA SER B 194 13.82 -9.18 37.78
C SER B 194 15.15 -9.07 38.52
N TRP B 195 16.25 -9.17 37.78
CA TRP B 195 17.56 -9.04 38.41
C TRP B 195 17.73 -7.66 39.05
N MET B 196 17.29 -6.62 38.34
CA MET B 196 17.38 -5.25 38.86
C MET B 196 16.66 -5.10 40.20
N LEU B 197 15.47 -5.70 40.31
CA LEU B 197 14.72 -5.61 41.56
C LEU B 197 15.41 -6.35 42.70
N GLN B 198 15.98 -7.51 42.39
CA GLN B 198 16.77 -8.25 43.37
C GLN B 198 17.95 -7.39 43.82
N LEU B 199 18.59 -6.72 42.86
CA LEU B 199 19.70 -5.84 43.16
C LEU B 199 19.27 -4.75 44.15
N CYS B 200 18.10 -4.17 43.91
CA CYS B 200 17.57 -3.15 44.82
C CYS B 200 17.41 -3.70 46.23
N CYS B 201 17.01 -4.97 46.34
CA CYS B 201 16.92 -5.61 47.65
C CYS B 201 18.28 -5.71 48.32
N CYS B 202 19.28 -6.16 47.57
CA CYS B 202 20.64 -6.25 48.09
C CYS B 202 21.16 -4.91 48.59
N ILE B 203 20.86 -3.85 47.85
CA ILE B 203 21.23 -2.50 48.26
C ILE B 203 20.48 -2.08 49.52
N GLU B 204 19.15 -2.23 49.49
CA GLU B 204 18.31 -1.76 50.59
C GLU B 204 18.72 -2.38 51.93
N ALA B 205 19.22 -3.61 51.89
CA ALA B 205 19.66 -4.30 53.10
C ALA B 205 20.79 -3.55 53.82
N HIS B 206 21.45 -2.64 53.12
CA HIS B 206 22.54 -1.88 53.71
C HIS B 206 22.06 -0.57 54.35
N LEU B 207 20.75 -0.33 54.33
CA LEU B 207 20.21 0.95 54.81
C LEU B 207 19.22 0.77 55.97
C1 EDO C . -9.65 14.39 -31.38
O1 EDO C . -10.40 15.55 -31.78
C2 EDO C . -9.46 14.38 -29.87
O2 EDO C . -8.71 13.21 -29.48
C1 PEG D . -8.50 10.06 0.54
O1 PEG D . -7.71 11.23 0.56
C2 PEG D . -7.69 8.83 0.22
O2 PEG D . -8.30 8.28 -0.86
C3 PEG D . -7.59 8.44 -2.05
C4 PEG D . -8.40 8.78 -3.30
O4 PEG D . -8.91 10.09 -3.34
#